data_6I86
#
_entry.id   6I86
#
_cell.length_a   132.560
_cell.length_b   132.560
_cell.length_c   112.980
_cell.angle_alpha   90.00
_cell.angle_beta   90.00
_cell.angle_gamma   90.00
#
_symmetry.space_group_name_H-M   'P 41 21 2'
#
loop_
_entity.id
_entity.type
_entity.pdbx_description
1 polymer 'Uncharacterized protein'
2 non-polymer GLYCEROL
3 water water
#
_entity_poly.entity_id   1
_entity_poly.type   'polypeptide(L)'
_entity_poly.pdbx_seq_one_letter_code
;GAMAEEVAEIILPASTWILFFDASCSINSPAFWSTNDAVDRIWRLKIAHELVLLQVVLEGYFKVRCILRSSAPAFEMVNA
DVSELVSIVLPSGRLVACTTDEPTLNRHVLTVPPGRYRVLREWSVHEESKHYDVESAEAYPADEGPDGIITLWPER
;
_entity_poly.pdbx_strand_id   A,B,C
#
loop_
_chem_comp.id
_chem_comp.type
_chem_comp.name
_chem_comp.formula
GOL non-polymer GLYCEROL 'C3 H8 O3'
#
# COMPACT_ATOMS: atom_id res chain seq x y z
N GLY A 1 -2.04 -2.45 -2.45
CA GLY A 1 -3.27 -2.69 -1.71
C GLY A 1 -3.16 -2.43 -0.23
N ALA A 2 -4.32 -2.22 0.40
CA ALA A 2 -4.42 -1.99 1.85
C ALA A 2 -3.42 -0.93 2.31
N MET A 3 -3.33 0.16 1.56
CA MET A 3 -2.30 1.16 1.80
C MET A 3 -2.69 2.08 2.95
N ALA A 4 -1.78 2.27 3.88
CA ALA A 4 -1.92 3.34 4.86
C ALA A 4 -1.97 4.67 4.12
N GLU A 5 -3.01 5.45 4.39
CA GLU A 5 -3.17 6.77 3.79
C GLU A 5 -2.95 7.89 4.78
N GLU A 6 -3.49 7.78 5.99
CA GLU A 6 -3.22 8.72 7.06
C GLU A 6 -3.08 7.95 8.37
N VAL A 7 -2.14 8.39 9.21
CA VAL A 7 -1.86 7.70 10.47
C VAL A 7 -1.59 8.76 11.55
N ALA A 8 -2.20 8.55 12.72
CA ALA A 8 -1.91 9.38 13.88
C ALA A 8 -2.14 8.56 15.14
N GLU A 9 -1.47 8.96 16.22
CA GLU A 9 -1.61 8.32 17.52
C GLU A 9 -2.01 9.36 18.56
N ILE A 10 -2.86 8.95 19.49
CA ILE A 10 -3.20 9.76 20.65
C ILE A 10 -2.93 8.96 21.91
N ILE A 11 -2.57 9.66 22.98
CA ILE A 11 -2.40 9.09 24.30
C ILE A 11 -3.30 9.86 25.25
N LEU A 12 -4.24 9.16 25.87
CA LEU A 12 -5.18 9.84 26.76
C LEU A 12 -5.51 8.92 27.93
N PRO A 13 -5.90 9.49 29.07
CA PRO A 13 -6.41 8.67 30.17
C PRO A 13 -7.87 8.32 29.97
N ALA A 14 -8.27 7.20 30.57
CA ALA A 14 -9.65 6.75 30.50
C ALA A 14 -9.88 5.70 31.58
N SER A 15 -11.08 5.73 32.16
CA SER A 15 -11.47 4.74 33.15
C SER A 15 -12.48 3.71 32.61
N THR A 16 -13.26 4.06 31.59
CA THR A 16 -14.25 3.14 31.04
C THR A 16 -14.31 3.22 29.52
N TRP A 17 -14.69 4.37 28.98
CA TRP A 17 -14.97 4.49 27.55
C TRP A 17 -14.12 5.59 26.92
N ILE A 18 -13.45 5.24 25.81
CA ILE A 18 -12.91 6.21 24.87
C ILE A 18 -13.85 6.28 23.68
N LEU A 19 -14.21 7.49 23.26
CA LEU A 19 -15.24 7.70 22.25
C LEU A 19 -14.67 8.42 21.05
N PHE A 20 -14.93 7.89 19.86
CA PHE A 20 -14.50 8.46 18.60
C PHE A 20 -15.72 8.92 17.82
N PHE A 21 -15.65 10.12 17.24
CA PHE A 21 -16.81 10.67 16.56
C PHE A 21 -16.39 11.84 15.68
N ASP A 22 -17.28 12.21 14.77
CA ASP A 22 -17.07 13.41 13.96
C ASP A 22 -17.18 14.65 14.84
N ALA A 23 -16.38 15.66 14.50
CA ALA A 23 -16.33 16.87 15.32
C ALA A 23 -17.69 17.57 15.37
N SER A 24 -18.53 17.37 14.35
CA SER A 24 -19.85 17.97 14.29
C SER A 24 -20.90 17.16 15.05
N CYS A 25 -20.54 16.00 15.59
CA CYS A 25 -21.51 15.18 16.31
C CYS A 25 -22.00 15.90 17.55
N SER A 26 -23.27 15.65 17.91
CA SER A 26 -23.89 16.33 19.05
C SER A 26 -23.11 16.10 20.34
N ILE A 27 -22.44 14.96 20.46
CA ILE A 27 -21.69 14.65 21.67
C ILE A 27 -20.53 15.62 21.88
N ASN A 28 -20.11 16.35 20.85
CA ASN A 28 -19.02 17.30 20.95
C ASN A 28 -19.48 18.69 21.39
N SER A 29 -20.65 18.79 22.02
CA SER A 29 -21.18 20.04 22.51
C SER A 29 -21.60 19.89 23.96
N PRO A 30 -21.55 20.98 24.74
CA PRO A 30 -21.92 20.87 26.17
C PRO A 30 -23.37 20.51 26.40
N ALA A 31 -24.28 20.87 25.49
CA ALA A 31 -25.70 20.56 25.68
C ALA A 31 -25.94 19.07 25.75
N PHE A 32 -25.11 18.27 25.09
CA PHE A 32 -25.24 16.83 25.15
C PHE A 32 -25.07 16.31 26.57
N TRP A 33 -24.09 16.84 27.30
CA TRP A 33 -23.72 16.29 28.60
C TRP A 33 -24.43 16.97 29.77
N SER A 34 -25.00 18.16 29.56
CA SER A 34 -25.66 18.88 30.64
C SER A 34 -27.01 18.28 31.01
N THR A 35 -27.65 17.54 30.12
CA THR A 35 -28.93 16.90 30.40
C THR A 35 -28.73 15.42 30.71
N ASN A 36 -29.79 14.81 31.23
CA ASN A 36 -29.71 13.49 31.85
C ASN A 36 -29.65 12.37 30.81
N ASP A 37 -29.29 11.18 31.28
CA ASP A 37 -29.21 9.97 30.46
C ASP A 37 -28.26 10.14 29.27
N ALA A 38 -27.15 10.84 29.49
CA ALA A 38 -26.13 10.91 28.47
C ALA A 38 -25.63 9.52 28.10
N VAL A 39 -25.63 8.59 29.06
CA VAL A 39 -25.14 7.24 28.81
C VAL A 39 -26.05 6.53 27.80
N ASP A 40 -27.36 6.76 27.88
CA ASP A 40 -28.26 6.18 26.89
C ASP A 40 -28.07 6.83 25.52
N ARG A 41 -27.80 8.13 25.50
CA ARG A 41 -27.65 8.82 24.23
C ARG A 41 -26.31 8.53 23.57
N ILE A 42 -25.30 8.17 24.37
CA ILE A 42 -24.06 7.66 23.79
C ILE A 42 -24.33 6.35 23.04
N TRP A 43 -25.08 5.44 23.67
CA TRP A 43 -25.35 4.15 23.04
C TRP A 43 -26.18 4.30 21.78
N ARG A 44 -27.09 5.29 21.76
CA ARG A 44 -27.87 5.53 20.56
C ARG A 44 -26.99 6.05 19.42
N LEU A 45 -26.03 6.91 19.74
CA LEU A 45 -25.07 7.35 18.73
C LEU A 45 -24.24 6.18 18.22
N LYS A 46 -23.87 5.26 19.12
CA LYS A 46 -23.14 4.07 18.68
C LYS A 46 -23.99 3.21 17.76
N ILE A 47 -25.27 2.99 18.14
CA ILE A 47 -26.17 2.21 17.30
C ILE A 47 -26.30 2.85 15.92
N ALA A 48 -26.34 4.18 15.88
CA ALA A 48 -26.50 4.90 14.63
C ALA A 48 -25.20 5.09 13.87
N HIS A 49 -24.12 4.45 14.31
CA HIS A 49 -22.81 4.51 13.66
C HIS A 49 -22.27 5.94 13.59
N GLU A 50 -22.68 6.81 14.50
CA GLU A 50 -22.10 8.14 14.61
C GLU A 50 -20.90 8.18 15.54
N LEU A 51 -20.72 7.17 16.38
CA LEU A 51 -19.53 7.09 17.22
C LEU A 51 -19.07 5.64 17.33
N VAL A 52 -17.78 5.48 17.61
CA VAL A 52 -17.16 4.19 17.87
C VAL A 52 -16.69 4.19 19.31
N LEU A 53 -16.91 3.08 20.02
CA LEU A 53 -16.71 3.00 21.47
C LEU A 53 -15.54 2.08 21.76
N LEU A 54 -14.54 2.59 22.49
CA LEU A 54 -13.38 1.84 22.92
C LEU A 54 -13.44 1.64 24.43
N GLN A 55 -13.78 0.43 24.86
CA GLN A 55 -13.89 0.12 26.28
C GLN A 55 -12.54 -0.31 26.84
N VAL A 56 -12.23 0.16 28.05
CA VAL A 56 -11.08 -0.30 28.79
C VAL A 56 -11.58 -0.96 30.07
N VAL A 57 -10.74 -1.84 30.61
CA VAL A 57 -11.15 -2.61 31.79
C VAL A 57 -10.99 -1.80 33.05
N LEU A 58 -9.90 -1.04 33.15
CA LEU A 58 -9.62 -0.24 34.34
C LEU A 58 -8.97 1.06 33.92
N GLU A 59 -8.90 2.01 34.85
CA GLU A 59 -8.35 3.32 34.56
C GLU A 59 -6.87 3.24 34.22
N GLY A 60 -6.46 3.97 33.19
CA GLY A 60 -5.06 4.06 32.85
C GLY A 60 -4.84 5.11 31.78
N TYR A 61 -3.64 5.10 31.22
CA TYR A 61 -3.29 5.92 30.06
C TYR A 61 -3.03 4.99 28.89
N PHE A 62 -3.63 5.28 27.74
CA PHE A 62 -3.64 4.34 26.63
C PHE A 62 -3.25 5.04 25.33
N LYS A 63 -2.45 4.35 24.54
CA LYS A 63 -2.00 4.83 23.24
C LYS A 63 -2.85 4.17 22.16
N VAL A 64 -3.55 4.98 21.38
CA VAL A 64 -4.44 4.49 20.33
C VAL A 64 -3.92 5.02 19.00
N ARG A 65 -3.58 4.11 18.09
CA ARG A 65 -3.20 4.48 16.74
C ARG A 65 -4.42 4.40 15.84
N CYS A 66 -4.61 5.42 15.02
N CYS A 66 -4.66 5.47 15.07
CA CYS A 66 -5.75 5.51 14.13
CA CYS A 66 -5.76 5.52 14.12
C CYS A 66 -5.26 5.66 12.69
C CYS A 66 -5.20 5.60 12.72
N ILE A 67 -5.73 4.78 11.82
CA ILE A 67 -5.23 4.68 10.45
C ILE A 67 -6.40 4.81 9.49
N LEU A 68 -6.27 5.70 8.52
CA LEU A 68 -7.10 5.66 7.32
C LEU A 68 -6.36 4.79 6.31
N ARG A 69 -7.01 3.72 5.87
CA ARG A 69 -6.40 2.75 4.98
C ARG A 69 -7.27 2.59 3.74
N SER A 70 -6.67 2.19 2.63
CA SER A 70 -7.41 2.05 1.39
C SER A 70 -8.36 0.85 1.42
N SER A 71 -8.11 -0.12 2.29
CA SER A 71 -8.98 -1.28 2.45
C SER A 71 -8.67 -1.90 3.81
N ALA A 72 -9.25 -3.07 4.07
CA ALA A 72 -8.95 -3.78 5.30
C ALA A 72 -7.46 -4.08 5.39
N PRO A 73 -6.89 -4.10 6.60
CA PRO A 73 -5.44 -4.28 6.73
C PRO A 73 -5.01 -5.66 6.24
N ALA A 74 -3.85 -5.69 5.60
CA ALA A 74 -3.27 -6.97 5.18
C ALA A 74 -2.78 -7.76 6.38
N PHE A 75 -2.36 -7.08 7.44
CA PHE A 75 -1.83 -7.73 8.64
C PHE A 75 -2.58 -7.23 9.86
N GLU A 76 -3.12 -8.17 10.63
CA GLU A 76 -3.81 -7.82 11.86
C GLU A 76 -2.82 -7.29 12.90
N MET A 77 -3.35 -6.54 13.86
CA MET A 77 -2.56 -6.12 15.01
C MET A 77 -1.97 -7.34 15.70
N VAL A 78 -0.64 -7.32 15.87
CA VAL A 78 0.10 -8.52 16.23
C VAL A 78 -0.36 -9.08 17.57
N ASN A 79 -0.49 -8.23 18.59
CA ASN A 79 -0.83 -8.68 19.93
C ASN A 79 -2.31 -8.47 20.27
N ALA A 80 -3.16 -8.36 19.26
CA ALA A 80 -4.58 -8.13 19.50
C ALA A 80 -5.23 -9.32 20.18
N ASP A 81 -6.06 -9.04 21.19
CA ASP A 81 -6.90 -10.05 21.82
C ASP A 81 -8.33 -10.03 21.32
N VAL A 82 -8.76 -8.92 20.71
CA VAL A 82 -10.13 -8.77 20.24
C VAL A 82 -10.09 -7.92 18.97
N SER A 83 -11.03 -8.21 18.07
CA SER A 83 -11.16 -7.52 16.80
C SER A 83 -12.63 -7.44 16.46
N GLU A 84 -13.13 -6.22 16.24
CA GLU A 84 -14.55 -6.07 15.90
C GLU A 84 -14.69 -5.11 14.73
N LEU A 85 -15.49 -5.50 13.76
CA LEU A 85 -15.75 -4.70 12.57
C LEU A 85 -17.02 -3.89 12.80
N VAL A 86 -16.88 -2.56 12.85
CA VAL A 86 -18.03 -1.67 12.95
C VAL A 86 -17.94 -0.64 11.84
N SER A 87 -18.56 0.51 12.05
CA SER A 87 -18.57 1.55 11.03
C SER A 87 -18.74 2.90 11.71
N ILE A 88 -18.48 3.97 10.96
CA ILE A 88 -18.67 5.32 11.46
C ILE A 88 -19.00 6.23 10.29
N VAL A 89 -19.91 7.18 10.55
CA VAL A 89 -20.26 8.22 9.59
C VAL A 89 -19.59 9.51 10.05
N LEU A 90 -18.88 10.16 9.13
CA LEU A 90 -18.12 11.38 9.43
C LEU A 90 -18.58 12.48 8.47
N PRO A 91 -19.62 13.23 8.84
CA PRO A 91 -20.16 14.24 7.92
C PRO A 91 -19.17 15.35 7.56
N SER A 92 -18.24 15.68 8.46
CA SER A 92 -17.23 16.69 8.17
C SER A 92 -15.85 16.09 7.91
N GLY A 93 -15.64 14.80 8.20
CA GLY A 93 -14.35 14.18 8.06
C GLY A 93 -13.40 14.44 9.20
N ARG A 94 -13.77 15.28 10.17
CA ARG A 94 -12.90 15.59 11.30
C ARG A 94 -13.18 14.58 12.42
N LEU A 95 -12.28 13.60 12.56
CA LEU A 95 -12.40 12.57 13.58
C LEU A 95 -11.75 13.07 14.86
N VAL A 96 -12.53 13.09 15.95
CA VAL A 96 -12.06 13.56 17.24
C VAL A 96 -12.44 12.54 18.31
N ALA A 97 -11.84 12.69 19.48
CA ALA A 97 -11.99 11.72 20.55
C ALA A 97 -12.25 12.42 21.88
N CYS A 98 -13.03 11.76 22.73
CA CYS A 98 -13.23 12.18 24.11
C CYS A 98 -13.33 10.94 24.98
N THR A 99 -13.54 11.14 26.27
CA THR A 99 -13.82 10.07 27.21
C THR A 99 -15.03 10.46 28.05
N THR A 100 -15.60 9.48 28.74
CA THR A 100 -16.65 9.80 29.71
C THR A 100 -16.09 10.51 30.94
N ASP A 101 -14.76 10.52 31.11
CA ASP A 101 -14.14 11.30 32.18
C ASP A 101 -13.96 12.76 31.75
N GLU A 102 -13.63 13.00 30.49
CA GLU A 102 -13.38 14.34 29.95
C GLU A 102 -14.20 14.53 28.69
N PRO A 103 -15.50 14.84 28.83
CA PRO A 103 -16.34 15.03 27.64
C PRO A 103 -15.93 16.19 26.75
N THR A 104 -15.22 17.19 27.29
CA THR A 104 -14.79 18.33 26.51
C THR A 104 -13.40 18.14 25.89
N LEU A 105 -12.88 16.92 25.87
CA LEU A 105 -11.51 16.69 25.43
C LEU A 105 -11.30 17.21 24.01
N ASN A 106 -12.19 16.83 23.08
CA ASN A 106 -12.16 17.32 21.71
C ASN A 106 -10.78 17.12 21.08
N ARG A 107 -10.24 15.91 21.28
CA ARG A 107 -8.89 15.60 20.83
C ARG A 107 -8.91 15.25 19.35
N HIS A 108 -8.27 16.07 18.53
CA HIS A 108 -8.22 15.81 17.10
C HIS A 108 -7.41 14.54 16.83
N VAL A 109 -7.98 13.63 16.06
CA VAL A 109 -7.34 12.37 15.69
C VAL A 109 -6.84 12.41 14.26
N LEU A 110 -7.75 12.52 13.30
CA LEU A 110 -7.43 12.61 11.88
C LEU A 110 -8.52 13.41 11.20
N THR A 111 -8.14 14.07 10.10
CA THR A 111 -9.11 14.66 9.18
C THR A 111 -9.08 13.85 7.89
N VAL A 112 -10.19 13.20 7.58
CA VAL A 112 -10.30 12.32 6.43
C VAL A 112 -11.36 12.89 5.51
N PRO A 113 -11.53 12.40 4.28
CA PRO A 113 -12.64 12.84 3.44
C PRO A 113 -13.97 12.53 4.12
N PRO A 114 -14.94 13.44 4.02
CA PRO A 114 -16.25 13.18 4.61
C PRO A 114 -16.89 11.95 3.99
N GLY A 115 -17.64 11.22 4.80
CA GLY A 115 -18.36 10.07 4.30
C GLY A 115 -18.42 8.97 5.35
N ARG A 116 -18.75 7.79 4.87
CA ARG A 116 -19.03 6.63 5.70
C ARG A 116 -17.90 5.62 5.56
N TYR A 117 -17.45 5.08 6.70
CA TYR A 117 -16.26 4.24 6.75
C TYR A 117 -16.56 2.96 7.50
N ARG A 118 -16.05 1.85 6.98
CA ARG A 118 -15.90 0.65 7.80
C ARG A 118 -14.78 0.88 8.80
N VAL A 119 -14.96 0.33 10.00
CA VAL A 119 -14.04 0.59 11.11
C VAL A 119 -13.67 -0.73 11.74
N LEU A 120 -12.37 -1.01 11.83
CA LEU A 120 -11.87 -2.16 12.56
C LEU A 120 -11.29 -1.68 13.88
N ARG A 121 -11.86 -2.15 14.98
CA ARG A 121 -11.30 -1.95 16.31
C ARG A 121 -10.49 -3.16 16.69
N GLU A 122 -9.17 -2.99 16.78
CA GLU A 122 -8.27 -4.01 17.29
C GLU A 122 -7.73 -3.56 18.64
N TRP A 123 -7.82 -4.43 19.64
CA TRP A 123 -7.41 -4.06 20.98
C TRP A 123 -6.64 -5.21 21.62
N SER A 124 -5.60 -4.85 22.36
CA SER A 124 -4.80 -5.82 23.12
C SER A 124 -5.07 -5.57 24.60
N VAL A 125 -5.85 -6.48 25.22
CA VAL A 125 -6.05 -6.41 26.66
C VAL A 125 -4.72 -6.64 27.38
N HIS A 126 -3.85 -7.48 26.82
CA HIS A 126 -2.55 -7.72 27.41
C HIS A 126 -1.72 -6.43 27.46
N GLU A 127 -1.72 -5.67 26.35
CA GLU A 127 -0.98 -4.41 26.34
C GLU A 127 -1.66 -3.37 27.20
N GLU A 128 -3.00 -3.32 27.18
CA GLU A 128 -3.74 -2.38 28.02
C GLU A 128 -3.38 -2.55 29.49
N SER A 129 -3.31 -3.80 29.95
CA SER A 129 -3.04 -4.10 31.35
C SER A 129 -1.62 -3.75 31.77
N LYS A 130 -0.75 -3.32 30.85
CA LYS A 130 0.56 -2.81 31.23
C LYS A 130 0.53 -1.35 31.67
N HIS A 131 -0.59 -0.66 31.48
CA HIS A 131 -0.60 0.80 31.51
C HIS A 131 -1.65 1.36 32.46
N TYR A 132 -2.08 0.58 33.45
CA TYR A 132 -2.98 1.09 34.47
C TYR A 132 -2.28 2.02 35.45
N ASP A 133 -0.97 1.91 35.59
CA ASP A 133 -0.21 2.71 36.55
C ASP A 133 0.53 3.87 35.90
N VAL A 134 0.31 4.13 34.62
CA VAL A 134 0.95 5.27 33.97
C VAL A 134 0.41 6.56 34.58
N GLU A 135 1.32 7.42 35.01
CA GLU A 135 0.91 8.64 35.73
C GLU A 135 0.45 9.74 34.79
N SER A 136 1.00 9.81 33.58
CA SER A 136 0.69 10.90 32.67
C SER A 136 0.99 10.43 31.25
N ALA A 137 0.46 11.17 30.28
CA ALA A 137 0.72 10.86 28.89
C ALA A 137 2.21 10.91 28.58
N GLU A 138 2.92 11.83 29.24
CA GLU A 138 4.34 12.02 29.01
C GLU A 138 5.15 10.82 29.53
N ALA A 139 4.66 10.18 30.58
CA ALA A 139 5.33 9.03 31.20
C ALA A 139 4.96 7.72 30.54
N TYR A 140 4.06 7.72 29.56
CA TYR A 140 3.79 6.52 28.78
C TYR A 140 5.04 6.15 28.01
N PRO A 141 5.60 4.96 28.22
CA PRO A 141 6.88 4.61 27.58
C PRO A 141 6.78 4.68 26.07
N ALA A 142 7.76 5.35 25.46
CA ALA A 142 7.72 5.60 24.02
C ALA A 142 7.73 4.31 23.21
N ASP A 143 8.40 3.28 23.69
CA ASP A 143 8.53 2.03 22.95
C ASP A 143 7.44 1.02 23.28
N GLU A 144 6.39 1.43 23.97
CA GLU A 144 5.28 0.55 24.29
C GLU A 144 4.03 0.99 23.54
N GLY A 145 3.03 0.11 23.57
CA GLY A 145 1.82 0.34 22.81
C GLY A 145 2.04 0.17 21.32
N PRO A 146 1.01 0.49 20.52
CA PRO A 146 -0.30 0.99 20.97
C PRO A 146 -1.15 -0.08 21.66
N ASP A 147 -2.00 0.37 22.58
CA ASP A 147 -2.93 -0.55 23.22
C ASP A 147 -4.03 -0.98 22.25
N GLY A 148 -4.33 -0.16 21.26
CA GLY A 148 -5.31 -0.51 20.25
C GLY A 148 -5.03 0.24 18.96
N ILE A 149 -5.58 -0.30 17.88
CA ILE A 149 -5.46 0.31 16.55
C ILE A 149 -6.85 0.39 15.94
N ILE A 150 -7.25 1.59 15.52
CA ILE A 150 -8.53 1.84 14.89
C ILE A 150 -8.27 2.12 13.42
N THR A 151 -8.78 1.27 12.54
CA THR A 151 -8.54 1.40 11.11
C THR A 151 -9.85 1.71 10.39
N LEU A 152 -9.83 2.75 9.56
CA LEU A 152 -10.97 3.14 8.75
C LEU A 152 -10.66 2.86 7.29
N TRP A 153 -11.69 2.43 6.55
CA TRP A 153 -11.59 2.38 5.09
C TRP A 153 -12.99 2.56 4.53
N PRO A 154 -13.11 3.10 3.31
CA PRO A 154 -14.43 3.53 2.82
C PRO A 154 -15.45 2.41 2.80
N GLU A 155 -16.64 2.71 3.28
CA GLU A 155 -17.75 1.76 3.22
C GLU A 155 -18.34 1.77 1.81
N ARG A 156 -18.28 0.62 1.15
CA ARG A 156 -18.58 0.53 -0.27
C ARG A 156 -19.77 -0.39 -0.52
N GLY B 1 3.44 8.72 -39.75
CA GLY B 1 3.95 8.55 -38.39
C GLY B 1 3.36 7.36 -37.67
N ALA B 2 2.94 7.56 -36.42
CA ALA B 2 2.46 6.48 -35.57
C ALA B 2 0.93 6.55 -35.51
N MET B 3 0.30 5.98 -36.53
CA MET B 3 -1.16 5.94 -36.59
C MET B 3 -1.70 4.88 -35.62
N ALA B 4 -2.70 5.27 -34.85
CA ALA B 4 -3.45 4.31 -34.04
C ALA B 4 -4.39 3.57 -34.98
N GLU B 5 -3.99 2.36 -35.38
CA GLU B 5 -4.75 1.62 -36.37
C GLU B 5 -5.95 0.91 -35.77
N GLU B 6 -5.86 0.52 -34.50
CA GLU B 6 -6.98 -0.07 -33.77
C GLU B 6 -6.92 0.43 -32.33
N VAL B 7 -8.08 0.71 -31.76
CA VAL B 7 -8.16 1.25 -30.40
C VAL B 7 -9.28 0.54 -29.66
N ALA B 8 -9.01 0.15 -28.42
CA ALA B 8 -10.03 -0.37 -27.52
C ALA B 8 -9.74 0.14 -26.12
N GLU B 9 -10.78 0.18 -25.30
CA GLU B 9 -10.67 0.55 -23.91
C GLU B 9 -11.43 -0.46 -23.05
N ILE B 10 -10.93 -0.68 -21.85
CA ILE B 10 -11.57 -1.57 -20.89
C ILE B 10 -11.47 -0.96 -19.50
N ILE B 11 -12.52 -1.13 -18.71
CA ILE B 11 -12.56 -0.67 -17.32
C ILE B 11 -12.75 -1.91 -16.46
N LEU B 12 -11.82 -2.15 -15.55
CA LEU B 12 -11.81 -3.36 -14.73
C LEU B 12 -11.65 -3.00 -13.26
N PRO B 13 -12.25 -3.79 -12.37
CA PRO B 13 -11.89 -3.71 -10.96
C PRO B 13 -10.57 -4.44 -10.72
N ALA B 14 -9.65 -3.80 -10.00
CA ALA B 14 -8.33 -4.39 -9.83
C ALA B 14 -7.75 -3.97 -8.50
N SER B 15 -7.10 -4.93 -7.83
CA SER B 15 -6.34 -4.66 -6.63
C SER B 15 -4.91 -5.21 -6.69
N THR B 16 -4.55 -5.97 -7.71
CA THR B 16 -3.19 -6.47 -7.85
C THR B 16 -2.66 -6.30 -9.27
N TRP B 17 -3.07 -7.17 -10.19
CA TRP B 17 -2.52 -7.20 -11.54
C TRP B 17 -3.63 -7.08 -12.57
N ILE B 18 -3.37 -6.31 -13.62
CA ILE B 18 -4.15 -6.36 -14.87
C ILE B 18 -3.26 -7.01 -15.92
N LEU B 19 -3.71 -8.11 -16.49
CA LEU B 19 -2.91 -8.92 -17.38
C LEU B 19 -3.45 -8.84 -18.81
N PHE B 20 -2.52 -8.95 -19.78
CA PHE B 20 -2.86 -8.94 -21.20
C PHE B 20 -2.12 -10.08 -21.87
N PHE B 21 -2.83 -10.88 -22.65
CA PHE B 21 -2.27 -12.08 -23.24
C PHE B 21 -3.14 -12.50 -24.42
N ASP B 22 -2.60 -13.42 -25.23
CA ASP B 22 -3.37 -13.99 -26.32
C ASP B 22 -4.40 -14.96 -25.77
N ALA B 23 -5.54 -15.05 -26.47
CA ALA B 23 -6.61 -15.94 -26.04
C ALA B 23 -6.19 -17.39 -26.00
N SER B 24 -5.17 -17.76 -26.78
CA SER B 24 -4.65 -19.13 -26.78
C SER B 24 -3.66 -19.39 -25.65
N CYS B 25 -3.28 -18.37 -24.90
CA CYS B 25 -2.36 -18.57 -23.79
C CYS B 25 -3.01 -19.44 -22.72
N SER B 26 -2.19 -20.26 -22.06
CA SER B 26 -2.69 -21.18 -21.04
C SER B 26 -3.48 -20.45 -19.95
N ILE B 27 -3.09 -19.21 -19.65
CA ILE B 27 -3.73 -18.46 -18.58
C ILE B 27 -5.19 -18.13 -18.90
N ASN B 28 -5.58 -18.22 -20.17
CA ASN B 28 -6.96 -17.91 -20.53
C ASN B 28 -7.94 -19.04 -20.21
N SER B 29 -7.45 -20.22 -19.85
CA SER B 29 -8.45 -21.22 -19.51
C SER B 29 -8.63 -21.32 -18.00
N PRO B 30 -9.83 -21.68 -17.54
CA PRO B 30 -10.04 -21.77 -16.08
C PRO B 30 -9.13 -22.79 -15.39
N ALA B 31 -8.64 -23.79 -16.13
CA ALA B 31 -7.78 -24.80 -15.52
C ALA B 31 -6.48 -24.21 -14.99
N PHE B 32 -6.03 -23.10 -15.58
CA PHE B 32 -4.84 -22.41 -15.08
C PHE B 32 -5.00 -22.06 -13.61
N TRP B 33 -6.21 -21.69 -13.20
CA TRP B 33 -6.49 -21.20 -11.85
C TRP B 33 -6.99 -22.32 -10.93
N SER B 34 -6.61 -23.57 -11.22
CA SER B 34 -7.00 -24.70 -10.39
C SER B 34 -5.83 -25.29 -9.62
N THR B 35 -4.62 -24.79 -9.83
CA THR B 35 -3.43 -25.28 -9.14
C THR B 35 -2.73 -24.11 -8.47
N ASN B 36 -1.68 -24.43 -7.70
CA ASN B 36 -1.02 -23.43 -6.87
C ASN B 36 0.00 -22.63 -7.68
N ASP B 37 0.68 -21.73 -6.98
CA ASP B 37 1.80 -20.96 -7.53
C ASP B 37 1.38 -20.16 -8.76
N ALA B 38 0.25 -19.47 -8.67
CA ALA B 38 -0.22 -18.66 -9.79
C ALA B 38 0.78 -17.56 -10.12
N VAL B 39 1.33 -16.91 -9.08
CA VAL B 39 2.19 -15.75 -9.29
C VAL B 39 3.45 -16.14 -10.07
N ASP B 40 4.10 -17.23 -9.64
CA ASP B 40 5.33 -17.66 -10.32
C ASP B 40 5.04 -18.14 -11.72
N ARG B 41 3.89 -18.79 -11.93
CA ARG B 41 3.53 -19.24 -13.28
C ARG B 41 3.18 -18.05 -14.17
N ILE B 42 2.54 -17.03 -13.60
CA ILE B 42 2.28 -15.80 -14.36
C ILE B 42 3.59 -15.12 -14.73
N TRP B 43 4.51 -15.04 -13.75
CA TRP B 43 5.79 -14.37 -14.00
C TRP B 43 6.60 -15.09 -15.07
N ARG B 44 6.52 -16.42 -15.11
CA ARG B 44 7.22 -17.15 -16.15
C ARG B 44 6.65 -16.87 -17.53
N LEU B 45 5.33 -16.61 -17.60
CA LEU B 45 4.73 -16.20 -18.86
C LEU B 45 5.20 -14.80 -19.27
N LYS B 46 5.38 -13.91 -18.28
CA LYS B 46 5.90 -12.58 -18.59
C LYS B 46 7.32 -12.65 -19.11
N ILE B 47 8.17 -13.46 -18.47
CA ILE B 47 9.54 -13.64 -18.94
C ILE B 47 9.54 -14.19 -20.37
N ALA B 48 8.57 -15.04 -20.70
CA ALA B 48 8.47 -15.65 -22.03
C ALA B 48 7.73 -14.75 -23.03
N HIS B 49 7.38 -13.52 -22.62
CA HIS B 49 6.73 -12.54 -23.49
C HIS B 49 5.37 -12.99 -23.99
N GLU B 50 4.73 -13.91 -23.25
CA GLU B 50 3.36 -14.32 -23.54
C GLU B 50 2.33 -13.42 -22.88
N LEU B 51 2.74 -12.58 -21.92
CA LEU B 51 1.82 -11.62 -21.33
C LEU B 51 2.60 -10.39 -20.87
N VAL B 52 1.86 -9.28 -20.78
CA VAL B 52 2.32 -8.05 -20.15
C VAL B 52 1.35 -7.71 -19.03
N LEU B 53 1.83 -6.98 -18.03
CA LEU B 53 1.03 -6.73 -16.84
C LEU B 53 1.12 -5.27 -16.41
N LEU B 54 0.13 -4.86 -15.65
CA LEU B 54 0.14 -3.58 -14.94
C LEU B 54 -0.15 -3.86 -13.47
N GLN B 55 0.67 -3.31 -12.60
CA GLN B 55 0.49 -3.47 -11.15
C GLN B 55 -0.27 -2.27 -10.60
N VAL B 56 -1.28 -2.54 -9.80
CA VAL B 56 -2.01 -1.47 -9.10
C VAL B 56 -1.75 -1.63 -7.62
N VAL B 57 -1.72 -0.49 -6.92
CA VAL B 57 -1.47 -0.46 -5.48
C VAL B 57 -2.68 0.04 -4.71
N LEU B 58 -3.71 0.54 -5.38
CA LEU B 58 -4.94 0.95 -4.73
C LEU B 58 -6.11 0.20 -5.37
N GLU B 59 -7.12 -0.09 -4.56
CA GLU B 59 -8.26 -0.89 -5.00
C GLU B 59 -9.26 0.02 -5.70
N GLY B 60 -9.48 -0.19 -6.99
CA GLY B 60 -10.42 0.64 -7.71
C GLY B 60 -10.79 0.07 -9.07
N TYR B 61 -11.53 0.87 -9.82
CA TYR B 61 -11.90 0.57 -11.20
C TYR B 61 -11.06 1.45 -12.11
N PHE B 62 -10.30 0.82 -13.00
CA PHE B 62 -9.29 1.52 -13.78
C PHE B 62 -9.52 1.31 -15.27
N LYS B 63 -9.29 2.37 -16.04
CA LYS B 63 -9.50 2.37 -17.48
C LYS B 63 -8.15 2.19 -18.15
N VAL B 64 -8.03 1.18 -19.01
CA VAL B 64 -6.83 0.93 -19.79
C VAL B 64 -7.18 1.03 -21.27
N ARG B 65 -6.45 1.86 -22.00
CA ARG B 65 -6.60 1.98 -23.43
C ARG B 65 -5.57 1.10 -24.13
N CYS B 66 -6.04 0.24 -25.02
CA CYS B 66 -5.19 -0.66 -25.77
C CYS B 66 -5.16 -0.23 -27.23
N ILE B 67 -3.96 -0.03 -27.77
CA ILE B 67 -3.79 0.59 -29.08
C ILE B 67 -2.83 -0.26 -29.92
N LEU B 68 -3.22 -0.52 -31.17
CA LEU B 68 -2.30 -1.05 -32.17
C LEU B 68 -1.83 0.11 -33.03
N ARG B 69 -0.53 0.36 -33.03
CA ARG B 69 0.04 1.46 -33.78
C ARG B 69 0.93 0.95 -34.90
N SER B 70 1.13 1.82 -35.90
CA SER B 70 2.07 1.54 -36.96
C SER B 70 3.51 1.61 -36.48
N SER B 71 3.78 2.45 -35.48
CA SER B 71 5.13 2.66 -34.98
C SER B 71 5.05 2.97 -33.49
N ALA B 72 6.22 3.23 -32.89
CA ALA B 72 6.24 3.67 -31.52
C ALA B 72 5.45 4.97 -31.39
N PRO B 73 4.77 5.21 -30.27
CA PRO B 73 3.94 6.41 -30.16
C PRO B 73 4.77 7.67 -30.35
N ALA B 74 4.20 8.62 -31.11
CA ALA B 74 4.84 9.91 -31.27
C ALA B 74 4.59 10.82 -30.07
N PHE B 75 3.54 10.57 -29.31
CA PHE B 75 3.20 11.36 -28.14
C PHE B 75 2.98 10.41 -26.97
N GLU B 76 3.80 10.56 -25.94
CA GLU B 76 3.72 9.77 -24.72
C GLU B 76 2.49 10.13 -23.91
N MET B 77 2.13 9.24 -22.98
CA MET B 77 1.07 9.55 -22.02
C MET B 77 1.53 10.67 -21.10
N VAL B 78 0.72 11.71 -20.98
CA VAL B 78 1.11 12.87 -20.19
C VAL B 78 1.24 12.49 -18.73
N ASN B 79 2.40 12.80 -18.14
CA ASN B 79 2.68 12.53 -16.74
C ASN B 79 2.51 11.04 -16.43
N ALA B 80 3.16 10.21 -17.23
CA ALA B 80 3.23 8.78 -16.95
C ALA B 80 4.29 8.52 -15.88
N ASP B 81 3.92 7.80 -14.84
CA ASP B 81 4.87 7.42 -13.81
C ASP B 81 5.55 6.10 -14.14
N VAL B 82 4.90 5.23 -14.91
CA VAL B 82 5.48 3.99 -15.39
C VAL B 82 5.53 4.06 -16.91
N SER B 83 6.70 3.77 -17.48
CA SER B 83 6.85 3.72 -18.93
C SER B 83 7.93 2.70 -19.24
N GLU B 84 7.54 1.54 -19.77
CA GLU B 84 8.49 0.46 -20.02
C GLU B 84 8.22 -0.17 -21.37
N LEU B 85 9.30 -0.40 -22.11
CA LEU B 85 9.23 -1.11 -23.39
C LEU B 85 9.39 -2.59 -23.15
N VAL B 86 8.37 -3.37 -23.50
CA VAL B 86 8.41 -4.82 -23.44
C VAL B 86 7.95 -5.38 -24.77
N SER B 87 7.43 -6.61 -24.75
CA SER B 87 6.94 -7.23 -25.98
C SER B 87 5.86 -8.25 -25.63
N ILE B 88 5.18 -8.74 -26.65
CA ILE B 88 4.15 -9.75 -26.47
C ILE B 88 4.02 -10.56 -27.75
N VAL B 89 3.81 -11.86 -27.59
CA VAL B 89 3.56 -12.79 -28.70
C VAL B 89 2.09 -13.14 -28.67
N LEU B 90 1.41 -12.96 -29.81
CA LEU B 90 -0.02 -13.22 -29.94
C LEU B 90 -0.21 -14.23 -31.08
N PRO B 91 -0.15 -15.53 -30.80
CA PRO B 91 -0.23 -16.52 -31.88
C PRO B 91 -1.55 -16.51 -32.64
N SER B 92 -2.64 -16.10 -31.99
CA SER B 92 -3.93 -16.00 -32.65
C SER B 92 -4.35 -14.56 -32.92
N GLY B 93 -3.64 -13.57 -32.39
CA GLY B 93 -3.96 -12.18 -32.59
C GLY B 93 -5.09 -11.65 -31.71
N ARG B 94 -5.72 -12.51 -30.92
CA ARG B 94 -6.85 -12.10 -30.06
C ARG B 94 -6.29 -11.69 -28.71
N LEU B 95 -6.23 -10.38 -28.48
CA LEU B 95 -5.71 -9.85 -27.22
C LEU B 95 -6.81 -9.88 -26.16
N VAL B 96 -6.51 -10.49 -25.01
CA VAL B 96 -7.46 -10.63 -23.92
C VAL B 96 -6.92 -9.91 -22.69
N ALA B 97 -7.81 -9.28 -21.94
CA ALA B 97 -7.44 -8.61 -20.70
C ALA B 97 -8.05 -9.34 -19.51
N CYS B 98 -7.39 -9.21 -18.36
CA CYS B 98 -7.71 -10.01 -17.20
C CYS B 98 -7.32 -9.26 -15.93
N THR B 99 -8.23 -9.22 -14.96
CA THR B 99 -7.91 -8.73 -13.62
C THR B 99 -7.80 -9.94 -12.69
N THR B 100 -6.71 -10.00 -11.92
CA THR B 100 -6.50 -11.14 -11.04
C THR B 100 -7.47 -11.15 -9.86
N ASP B 101 -8.33 -10.13 -9.71
CA ASP B 101 -9.40 -10.21 -8.74
C ASP B 101 -10.49 -11.19 -9.18
N GLU B 102 -10.73 -11.30 -10.50
CA GLU B 102 -11.68 -12.24 -11.07
C GLU B 102 -11.08 -12.82 -12.34
N PRO B 103 -10.09 -13.71 -12.20
CA PRO B 103 -9.28 -14.10 -13.37
C PRO B 103 -9.95 -15.08 -14.32
N THR B 104 -11.12 -15.62 -13.99
CA THR B 104 -11.87 -16.46 -14.92
C THR B 104 -12.87 -15.67 -15.74
N LEU B 105 -12.99 -14.36 -15.49
CA LEU B 105 -13.96 -13.53 -16.20
C LEU B 105 -13.23 -12.55 -17.12
N ASN B 106 -12.39 -13.08 -18.00
CA ASN B 106 -11.56 -12.25 -18.86
C ASN B 106 -12.37 -11.69 -20.02
N ARG B 107 -11.79 -10.68 -20.68
CA ARG B 107 -12.49 -9.93 -21.71
C ARG B 107 -11.61 -9.75 -22.93
N HIS B 108 -12.17 -9.99 -24.12
CA HIS B 108 -11.51 -9.66 -25.37
C HIS B 108 -11.46 -8.14 -25.54
N VAL B 109 -10.29 -7.63 -25.93
CA VAL B 109 -10.08 -6.20 -26.11
C VAL B 109 -9.76 -5.86 -27.56
N LEU B 110 -8.87 -6.62 -28.20
CA LEU B 110 -8.48 -6.31 -29.56
C LEU B 110 -8.18 -7.59 -30.31
N THR B 111 -8.47 -7.57 -31.62
CA THR B 111 -8.00 -8.58 -32.55
C THR B 111 -7.04 -7.92 -33.52
N VAL B 112 -5.78 -8.37 -33.50
CA VAL B 112 -4.73 -7.81 -34.36
C VAL B 112 -4.17 -8.95 -35.20
N PRO B 113 -3.36 -8.69 -36.23
CA PRO B 113 -2.71 -9.79 -36.94
C PRO B 113 -1.85 -10.62 -36.00
N PRO B 114 -1.84 -11.93 -36.17
CA PRO B 114 -1.01 -12.77 -35.29
C PRO B 114 0.46 -12.47 -35.46
N GLY B 115 1.20 -12.63 -34.37
CA GLY B 115 2.64 -12.48 -34.40
C GLY B 115 3.12 -11.77 -33.15
N ARG B 116 4.38 -11.32 -33.22
CA ARG B 116 5.06 -10.69 -32.11
C ARG B 116 5.02 -9.17 -32.27
N TYR B 117 4.86 -8.47 -31.16
CA TYR B 117 4.75 -7.02 -31.15
C TYR B 117 5.64 -6.44 -30.05
N ARG B 118 6.22 -5.27 -30.34
CA ARG B 118 6.76 -4.44 -29.28
C ARG B 118 5.62 -3.81 -28.51
N VAL B 119 5.83 -3.60 -27.22
CA VAL B 119 4.79 -3.11 -26.33
C VAL B 119 5.37 -2.00 -25.46
N LEU B 120 4.63 -0.89 -25.36
CA LEU B 120 4.91 0.15 -24.39
C LEU B 120 3.85 0.07 -23.31
N ARG B 121 4.26 -0.13 -22.06
CA ARG B 121 3.40 -0.02 -20.90
C ARG B 121 3.50 1.39 -20.34
N GLU B 122 2.36 2.04 -20.13
CA GLU B 122 2.32 3.33 -19.47
C GLU B 122 1.23 3.34 -18.40
N TRP B 123 1.55 3.93 -17.26
CA TRP B 123 0.63 3.97 -16.13
C TRP B 123 0.87 5.26 -15.36
N SER B 124 -0.20 5.83 -14.82
CA SER B 124 -0.13 7.04 -14.02
C SER B 124 -0.63 6.73 -12.61
N VAL B 125 0.27 6.86 -11.63
CA VAL B 125 -0.14 6.72 -10.23
C VAL B 125 -1.08 7.83 -9.83
N HIS B 126 -0.95 9.00 -10.46
CA HIS B 126 -1.87 10.11 -10.18
C HIS B 126 -3.30 9.75 -10.60
N GLU B 127 -3.46 9.22 -11.81
CA GLU B 127 -4.77 8.78 -12.26
C GLU B 127 -5.30 7.65 -11.38
N GLU B 128 -4.44 6.68 -11.07
CA GLU B 128 -4.82 5.59 -10.17
C GLU B 128 -5.35 6.14 -8.84
N SER B 129 -4.68 7.18 -8.32
CA SER B 129 -5.14 7.77 -7.07
C SER B 129 -6.53 8.36 -7.21
N LYS B 130 -6.86 8.92 -8.37
CA LYS B 130 -8.17 9.52 -8.56
C LYS B 130 -9.28 8.47 -8.61
N HIS B 131 -9.01 7.34 -9.24
CA HIS B 131 -10.05 6.37 -9.55
C HIS B 131 -10.11 5.22 -8.55
N TYR B 132 -9.28 5.29 -7.50
CA TYR B 132 -9.53 4.52 -6.30
C TYR B 132 -10.95 4.79 -5.77
N ASP B 133 -11.47 5.98 -6.01
CA ASP B 133 -12.76 6.43 -5.49
C ASP B 133 -13.95 6.00 -6.35
N VAL B 134 -13.75 5.17 -7.36
CA VAL B 134 -14.81 4.83 -8.31
C VAL B 134 -15.58 3.61 -7.79
N GLU B 135 -16.91 3.71 -7.78
CA GLU B 135 -17.78 2.71 -7.19
C GLU B 135 -18.08 1.54 -8.10
N SER B 136 -17.98 1.72 -9.41
CA SER B 136 -18.34 0.69 -10.37
C SER B 136 -17.77 1.09 -11.72
N ALA B 137 -17.61 0.11 -12.60
CA ALA B 137 -17.16 0.39 -13.95
C ALA B 137 -18.08 1.40 -14.63
N GLU B 138 -19.39 1.28 -14.41
CA GLU B 138 -20.35 2.16 -15.06
C GLU B 138 -20.24 3.59 -14.55
N ALA B 139 -19.80 3.78 -13.31
CA ALA B 139 -19.68 5.09 -12.70
C ALA B 139 -18.35 5.77 -13.00
N TYR B 140 -17.44 5.08 -13.69
CA TYR B 140 -16.18 5.69 -14.10
C TYR B 140 -16.47 6.84 -15.06
N PRO B 141 -16.05 8.06 -14.75
CA PRO B 141 -16.40 9.21 -15.61
C PRO B 141 -15.83 9.05 -17.02
N ALA B 142 -16.69 9.28 -18.01
CA ALA B 142 -16.33 9.02 -19.40
C ALA B 142 -15.16 9.90 -19.86
N ASP B 143 -15.03 11.10 -19.29
CA ASP B 143 -14.02 12.05 -19.74
C ASP B 143 -12.71 11.95 -18.97
N GLU B 144 -12.59 10.97 -18.06
CA GLU B 144 -11.41 10.81 -17.25
C GLU B 144 -10.60 9.61 -17.70
N GLY B 145 -9.33 9.60 -17.30
CA GLY B 145 -8.43 8.54 -17.67
C GLY B 145 -7.87 8.71 -19.07
N PRO B 146 -7.25 7.66 -19.61
CA PRO B 146 -7.09 6.35 -18.96
C PRO B 146 -6.05 6.36 -17.85
N ASP B 147 -6.12 5.35 -16.96
CA ASP B 147 -5.09 5.18 -15.96
C ASP B 147 -3.85 4.52 -16.54
N GLY B 148 -4.02 3.69 -17.57
CA GLY B 148 -2.90 3.05 -18.24
C GLY B 148 -3.16 2.94 -19.73
N ILE B 149 -2.07 2.80 -20.48
CA ILE B 149 -2.13 2.63 -21.93
C ILE B 149 -1.18 1.49 -22.31
N ILE B 150 -1.70 0.52 -23.05
CA ILE B 150 -0.89 -0.57 -23.62
C ILE B 150 -0.86 -0.38 -25.12
N THR B 151 0.32 -0.14 -25.66
CA THR B 151 0.49 0.15 -27.09
C THR B 151 1.33 -0.94 -27.74
N LEU B 152 0.82 -1.49 -28.84
CA LEU B 152 1.49 -2.53 -29.60
C LEU B 152 1.89 -1.98 -30.96
N TRP B 153 3.05 -2.41 -31.47
CA TRP B 153 3.42 -2.11 -32.85
C TRP B 153 4.45 -3.13 -33.30
N PRO B 154 4.48 -3.45 -34.59
CA PRO B 154 5.47 -4.41 -35.09
C PRO B 154 6.87 -3.84 -35.02
N GLU B 155 7.81 -4.66 -34.54
CA GLU B 155 9.21 -4.27 -34.56
C GLU B 155 9.72 -4.25 -36.00
N ARG B 156 10.27 -3.12 -36.41
CA ARG B 156 10.72 -2.96 -37.78
C ARG B 156 12.15 -2.42 -37.84
N MET C 3 35.64 3.77 5.39
CA MET C 3 34.33 3.16 5.31
C MET C 3 34.43 1.65 5.18
N ALA C 4 34.42 0.97 6.33
CA ALA C 4 34.30 -0.48 6.32
C ALA C 4 32.97 -0.89 5.72
N GLU C 5 32.97 -2.05 5.07
CA GLU C 5 31.74 -2.59 4.50
C GLU C 5 30.81 -3.03 5.62
N GLU C 6 29.50 -2.86 5.39
CA GLU C 6 28.49 -3.27 6.36
C GLU C 6 27.40 -4.05 5.63
N VAL C 7 26.90 -5.10 6.29
CA VAL C 7 25.78 -5.88 5.78
C VAL C 7 24.74 -6.02 6.89
N ALA C 8 23.49 -5.71 6.58
CA ALA C 8 22.38 -5.97 7.47
C ALA C 8 21.29 -6.70 6.69
N GLU C 9 20.51 -7.50 7.40
CA GLU C 9 19.36 -8.17 6.82
C GLU C 9 18.15 -7.91 7.72
N ILE C 10 17.01 -7.64 7.09
CA ILE C 10 15.76 -7.44 7.81
C ILE C 10 14.69 -8.33 7.19
N ILE C 11 13.76 -8.78 8.03
CA ILE C 11 12.64 -9.61 7.60
C ILE C 11 11.37 -8.89 8.03
N LEU C 12 10.52 -8.55 7.05
CA LEU C 12 9.38 -7.70 7.28
C LEU C 12 8.12 -8.31 6.67
N PRO C 13 6.97 -8.11 7.31
CA PRO C 13 5.70 -8.32 6.61
C PRO C 13 5.45 -7.19 5.63
N ALA C 14 4.92 -7.53 4.46
CA ALA C 14 4.66 -6.55 3.43
C ALA C 14 3.66 -7.10 2.44
N SER C 15 2.77 -6.24 1.96
CA SER C 15 1.79 -6.59 0.94
C SER C 15 1.92 -5.78 -0.34
N THR C 16 2.64 -4.66 -0.31
CA THR C 16 2.74 -3.82 -1.50
C THR C 16 4.14 -3.24 -1.65
N TRP C 17 4.48 -2.22 -0.87
CA TRP C 17 5.76 -1.53 -0.99
C TRP C 17 6.57 -1.67 0.29
N ILE C 18 7.87 -1.94 0.12
CA ILE C 18 8.86 -1.81 1.18
C ILE C 18 9.71 -0.59 0.85
N LEU C 19 9.85 0.31 1.82
CA LEU C 19 10.42 1.63 1.59
C LEU C 19 11.67 1.84 2.41
N PHE C 20 12.70 2.42 1.80
CA PHE C 20 13.97 2.70 2.46
C PHE C 20 14.32 4.16 2.27
N PHE C 21 14.73 4.82 3.35
CA PHE C 21 14.87 6.27 3.35
C PHE C 21 15.73 6.69 4.53
N ASP C 22 16.18 7.95 4.49
CA ASP C 22 16.88 8.50 5.63
C ASP C 22 15.91 8.70 6.78
N ALA C 23 16.44 8.59 8.00
CA ALA C 23 15.60 8.74 9.19
C ALA C 23 14.96 10.12 9.26
N SER C 24 15.62 11.13 8.69
CA SER C 24 15.10 12.49 8.68
C SER C 24 14.12 12.76 7.55
N CYS C 25 13.90 11.80 6.66
CA CYS C 25 12.96 11.99 5.56
C CYS C 25 11.56 12.25 6.11
N SER C 26 10.81 13.11 5.40
CA SER C 26 9.51 13.55 5.89
C SER C 26 8.56 12.38 6.11
N ILE C 27 8.73 11.29 5.35
CA ILE C 27 7.87 10.13 5.49
C ILE C 27 7.95 9.51 6.88
N ASN C 28 9.00 9.80 7.63
CA ASN C 28 9.27 9.15 8.91
C ASN C 28 8.76 9.94 10.11
N SER C 29 7.78 10.82 9.91
CA SER C 29 7.22 11.59 11.01
C SER C 29 5.73 11.82 10.73
N PRO C 30 4.94 12.10 11.77
CA PRO C 30 3.48 12.10 11.59
C PRO C 30 2.93 13.13 10.61
N ALA C 31 3.60 14.27 10.43
CA ALA C 31 3.05 15.35 9.62
C ALA C 31 2.80 14.90 8.19
N PHE C 32 3.74 14.12 7.64
CA PHE C 32 3.54 13.55 6.31
C PHE C 32 2.24 12.75 6.22
N TRP C 33 1.85 12.11 7.32
CA TRP C 33 0.72 11.18 7.32
C TRP C 33 -0.55 11.80 7.85
N SER C 34 -0.65 13.13 7.82
CA SER C 34 -1.84 13.83 8.31
C SER C 34 -2.73 14.34 7.19
N THR C 35 -2.30 14.24 5.93
CA THR C 35 -3.04 14.81 4.80
C THR C 35 -3.24 13.74 3.72
N ASN C 36 -3.99 14.13 2.69
CA ASN C 36 -4.37 13.19 1.65
C ASN C 36 -3.21 12.92 0.71
N ASP C 37 -3.46 12.05 -0.27
CA ASP C 37 -2.58 11.86 -1.43
C ASP C 37 -1.24 11.22 -1.06
N ALA C 38 -1.22 10.41 -0.01
CA ALA C 38 0.05 9.90 0.50
C ALA C 38 0.74 8.99 -0.50
N VAL C 39 -0.04 8.19 -1.25
CA VAL C 39 0.56 7.27 -2.22
C VAL C 39 1.31 8.05 -3.28
N ASP C 40 0.67 9.09 -3.84
CA ASP C 40 1.36 9.95 -4.80
C ASP C 40 2.61 10.57 -4.17
N ARG C 41 2.51 11.03 -2.93
CA ARG C 41 3.61 11.74 -2.31
C ARG C 41 4.76 10.80 -1.95
N ILE C 42 4.48 9.54 -1.68
CA ILE C 42 5.55 8.55 -1.56
C ILE C 42 6.29 8.41 -2.89
N TRP C 43 5.52 8.32 -3.99
CA TRP C 43 6.13 8.18 -5.31
C TRP C 43 6.99 9.39 -5.65
N ARG C 44 6.55 10.59 -5.26
CA ARG C 44 7.35 11.79 -5.50
C ARG C 44 8.67 11.72 -4.73
N LEU C 45 8.66 11.16 -3.53
CA LEU C 45 9.91 10.98 -2.79
C LEU C 45 10.84 10.02 -3.51
N LYS C 46 10.30 8.97 -4.12
CA LYS C 46 11.11 8.06 -4.92
C LYS C 46 11.73 8.81 -6.10
N ILE C 47 10.91 9.57 -6.83
CA ILE C 47 11.40 10.34 -7.96
C ILE C 47 12.50 11.30 -7.51
N ALA C 48 12.34 11.89 -6.33
CA ALA C 48 13.32 12.83 -5.80
C ALA C 48 14.53 12.16 -5.19
N HIS C 49 14.65 10.83 -5.31
CA HIS C 49 15.77 10.04 -4.79
C HIS C 49 15.90 10.14 -3.28
N GLU C 50 14.80 10.42 -2.59
CA GLU C 50 14.81 10.38 -1.12
C GLU C 50 14.47 9.01 -0.57
N LEU C 51 13.87 8.13 -1.36
CA LEU C 51 13.59 6.78 -0.89
C LEU C 51 13.77 5.78 -2.03
N VAL C 52 14.08 4.55 -1.64
CA VAL C 52 14.15 3.41 -2.55
C VAL C 52 12.95 2.50 -2.24
N LEU C 53 12.36 1.92 -3.29
CA LEU C 53 11.08 1.25 -3.19
C LEU C 53 11.19 -0.16 -3.76
N LEU C 54 10.73 -1.15 -3.00
CA LEU C 54 10.64 -2.54 -3.45
C LEU C 54 9.18 -2.95 -3.49
N GLN C 55 8.72 -3.42 -4.64
CA GLN C 55 7.33 -3.80 -4.84
C GLN C 55 7.18 -5.31 -4.76
N VAL C 56 6.26 -5.77 -3.91
CA VAL C 56 5.88 -7.16 -3.85
C VAL C 56 4.49 -7.31 -4.47
N VAL C 57 4.17 -8.53 -4.87
CA VAL C 57 2.89 -8.80 -5.52
C VAL C 57 1.80 -9.10 -4.49
N LEU C 58 2.05 -10.06 -3.61
CA LEU C 58 1.09 -10.46 -2.59
C LEU C 58 1.75 -10.36 -1.22
N GLU C 59 0.94 -10.44 -0.19
CA GLU C 59 1.47 -10.25 1.16
C GLU C 59 2.24 -11.49 1.61
N GLY C 60 3.26 -11.25 2.41
CA GLY C 60 4.09 -12.31 2.96
C GLY C 60 5.13 -11.69 3.87
N TYR C 61 6.11 -12.51 4.22
CA TYR C 61 7.26 -12.05 5.00
C TYR C 61 8.50 -12.19 4.14
N PHE C 62 9.25 -11.10 3.98
CA PHE C 62 10.32 -11.04 3.01
C PHE C 62 11.62 -10.57 3.65
N LYS C 63 12.71 -11.16 3.21
CA LYS C 63 14.04 -10.87 3.72
C LYS C 63 14.75 -9.96 2.73
N VAL C 64 15.19 -8.79 3.21
CA VAL C 64 15.92 -7.83 2.38
C VAL C 64 17.30 -7.63 2.99
N ARG C 65 18.33 -7.88 2.18
CA ARG C 65 19.71 -7.66 2.59
C ARG C 65 20.14 -6.27 2.13
N CYS C 66 20.77 -5.52 3.01
CA CYS C 66 21.27 -4.18 2.70
C CYS C 66 22.78 -4.15 2.88
N ILE C 67 23.48 -3.62 1.88
CA ILE C 67 24.93 -3.70 1.82
C ILE C 67 25.49 -2.30 1.57
N LEU C 68 26.46 -1.90 2.40
CA LEU C 68 27.23 -0.69 2.14
C LEU C 68 28.58 -1.11 1.56
N ARG C 69 28.86 -0.64 0.34
CA ARG C 69 30.09 -0.94 -0.36
C ARG C 69 30.81 0.37 -0.66
N SER C 70 32.04 0.25 -1.16
CA SER C 70 32.81 1.39 -1.62
C SER C 70 32.85 1.50 -3.14
N SER C 71 32.25 0.56 -3.86
CA SER C 71 32.21 0.61 -5.31
C SER C 71 31.02 -0.20 -5.81
N ALA C 72 30.72 -0.02 -7.09
CA ALA C 72 29.57 -0.67 -7.72
C ALA C 72 29.87 -2.15 -7.93
N PRO C 73 29.03 -3.05 -7.45
CA PRO C 73 29.15 -4.46 -7.84
C PRO C 73 28.42 -4.73 -9.14
N ALA C 74 28.98 -5.65 -9.92
CA ALA C 74 28.29 -6.10 -11.12
C ALA C 74 26.92 -6.66 -10.78
N PHE C 75 26.82 -7.37 -9.66
CA PHE C 75 25.57 -7.90 -9.16
C PHE C 75 25.79 -8.29 -7.71
N GLU C 76 24.69 -8.44 -6.98
CA GLU C 76 24.71 -9.08 -5.67
C GLU C 76 23.79 -10.28 -5.60
N MET C 77 22.65 -10.23 -6.29
CA MET C 77 21.72 -11.34 -6.36
C MET C 77 21.90 -12.05 -7.70
N VAL C 78 21.85 -13.38 -7.66
CA VAL C 78 22.00 -14.19 -8.87
C VAL C 78 20.67 -14.20 -9.61
N ASN C 79 20.72 -13.88 -10.91
CA ASN C 79 19.56 -13.83 -11.79
C ASN C 79 18.37 -13.15 -11.12
N ALA C 80 18.60 -11.90 -10.75
CA ALA C 80 17.51 -11.06 -10.25
C ALA C 80 16.42 -10.93 -11.30
N ASP C 81 15.16 -11.05 -10.87
CA ASP C 81 14.05 -10.79 -11.76
C ASP C 81 13.91 -9.29 -12.04
N VAL C 82 14.19 -8.46 -11.04
CA VAL C 82 14.13 -7.01 -11.18
C VAL C 82 15.44 -6.44 -10.66
N SER C 83 16.09 -5.61 -11.46
CA SER C 83 17.40 -5.05 -11.12
C SER C 83 17.52 -3.66 -11.71
N GLU C 84 17.74 -2.66 -10.86
CA GLU C 84 17.81 -1.28 -11.32
C GLU C 84 18.86 -0.53 -10.52
N LEU C 85 19.55 0.38 -11.20
CA LEU C 85 20.53 1.26 -10.58
C LEU C 85 19.88 2.61 -10.34
N VAL C 86 19.74 2.98 -9.08
CA VAL C 86 19.13 4.26 -8.71
C VAL C 86 20.05 4.98 -7.75
N SER C 87 19.50 5.93 -6.98
CA SER C 87 20.30 6.67 -6.02
C SER C 87 19.42 7.00 -4.82
N ILE C 88 20.08 7.38 -3.72
CA ILE C 88 19.38 7.81 -2.51
C ILE C 88 20.26 8.80 -1.77
N VAL C 89 19.61 9.82 -1.22
CA VAL C 89 20.28 10.82 -0.40
C VAL C 89 19.98 10.52 1.06
N LEU C 90 21.04 10.45 1.88
CA LEU C 90 20.94 10.13 3.30
C LEU C 90 21.57 11.27 4.09
N PRO C 91 20.84 12.35 4.34
CA PRO C 91 21.43 13.52 5.01
C PRO C 91 21.95 13.24 6.41
N SER C 92 21.35 12.30 7.14
CA SER C 92 21.81 11.94 8.47
C SER C 92 22.58 10.64 8.50
N GLY C 93 22.63 9.89 7.40
CA GLY C 93 23.36 8.64 7.36
C GLY C 93 22.66 7.48 8.02
N ARG C 94 21.42 7.66 8.46
CA ARG C 94 20.66 6.61 9.14
C ARG C 94 19.63 6.06 8.16
N LEU C 95 19.93 4.88 7.61
CA LEU C 95 19.02 4.21 6.69
C LEU C 95 17.94 3.49 7.48
N VAL C 96 16.68 3.79 7.14
CA VAL C 96 15.52 3.30 7.88
C VAL C 96 14.53 2.70 6.90
N ALA C 97 13.76 1.71 7.36
CA ALA C 97 12.80 1.03 6.53
C ALA C 97 11.41 1.07 7.15
N CYS C 98 10.40 1.05 6.28
CA CYS C 98 9.02 0.86 6.67
C CYS C 98 8.29 0.23 5.48
N THR C 99 6.98 0.01 5.64
CA THR C 99 6.15 -0.52 4.58
C THR C 99 4.91 0.36 4.44
N THR C 100 4.22 0.21 3.31
CA THR C 100 2.91 0.85 3.18
C THR C 100 1.86 0.20 4.06
N ASP C 101 2.13 -0.99 4.60
CA ASP C 101 1.26 -1.58 5.61
C ASP C 101 1.44 -0.85 6.94
N GLU C 102 2.68 -0.60 7.34
CA GLU C 102 3.00 -0.03 8.66
C GLU C 102 4.03 1.07 8.47
N PRO C 103 3.59 2.27 8.09
CA PRO C 103 4.54 3.37 7.84
C PRO C 103 5.20 3.91 9.10
N THR C 104 4.73 3.54 10.29
CA THR C 104 5.35 3.96 11.53
C THR C 104 6.47 3.02 11.97
N LEU C 105 6.84 2.06 11.13
CA LEU C 105 7.80 1.03 11.55
C LEU C 105 9.11 1.64 12.03
N ASN C 106 9.65 2.58 11.26
CA ASN C 106 10.91 3.27 11.60
C ASN C 106 11.96 2.24 12.02
N ARG C 107 12.15 1.25 11.17
CA ARG C 107 13.09 0.17 11.45
C ARG C 107 14.49 0.58 10.99
N HIS C 108 15.42 0.70 11.94
CA HIS C 108 16.78 1.07 11.58
C HIS C 108 17.46 -0.09 10.85
N VAL C 109 18.06 0.22 9.71
CA VAL C 109 18.70 -0.80 8.89
C VAL C 109 20.21 -0.65 8.98
N LEU C 110 20.72 0.51 8.58
CA LEU C 110 22.16 0.74 8.53
C LEU C 110 22.48 2.17 8.91
N THR C 111 23.65 2.34 9.54
CA THR C 111 24.24 3.65 9.77
C THR C 111 25.43 3.80 8.84
N VAL C 112 25.37 4.80 7.96
CA VAL C 112 26.41 5.04 6.97
C VAL C 112 26.86 6.48 7.10
N PRO C 113 28.00 6.87 6.52
CA PRO C 113 28.35 8.29 6.46
C PRO C 113 27.27 9.08 5.74
N PRO C 114 26.90 10.25 6.26
CA PRO C 114 25.87 11.06 5.59
C PRO C 114 26.34 11.49 4.20
N GLY C 115 25.43 11.42 3.25
CA GLY C 115 25.73 11.84 1.89
C GLY C 115 24.85 11.14 0.90
N ARG C 116 25.23 11.26 -0.38
CA ARG C 116 24.49 10.71 -1.50
C ARG C 116 25.12 9.39 -1.94
N TYR C 117 24.27 8.42 -2.24
CA TYR C 117 24.74 7.08 -2.57
C TYR C 117 24.11 6.59 -3.86
N ARG C 118 24.90 5.89 -4.67
CA ARG C 118 24.35 5.07 -5.74
C ARG C 118 23.81 3.78 -5.15
N VAL C 119 22.79 3.22 -5.80
CA VAL C 119 22.07 2.08 -5.25
C VAL C 119 21.83 1.05 -6.36
N LEU C 120 22.12 -0.21 -6.06
CA LEU C 120 21.68 -1.33 -6.88
C LEU C 120 20.50 -1.98 -6.18
N ARG C 121 19.35 -1.99 -6.85
CA ARG C 121 18.11 -2.52 -6.31
C ARG C 121 17.80 -3.83 -7.02
N GLU C 122 17.73 -4.92 -6.24
CA GLU C 122 17.52 -6.25 -6.80
C GLU C 122 16.36 -6.95 -6.10
N TRP C 123 15.58 -7.69 -6.86
CA TRP C 123 14.44 -8.43 -6.33
C TRP C 123 14.23 -9.69 -7.16
N SER C 124 13.77 -10.74 -6.50
CA SER C 124 13.45 -12.01 -7.14
C SER C 124 11.98 -12.34 -6.87
N VAL C 125 11.16 -12.29 -7.92
CA VAL C 125 9.77 -12.70 -7.78
C VAL C 125 9.67 -14.18 -7.48
N HIS C 126 10.58 -14.99 -8.05
CA HIS C 126 10.59 -16.42 -7.76
C HIS C 126 10.87 -16.68 -6.28
N GLU C 127 11.85 -15.97 -5.72
CA GLU C 127 12.09 -16.08 -4.28
C GLU C 127 10.91 -15.54 -3.49
N GLU C 128 10.38 -14.39 -3.90
CA GLU C 128 9.23 -13.79 -3.23
C GLU C 128 8.08 -14.78 -3.13
N SER C 129 7.80 -15.48 -4.23
CA SER C 129 6.68 -16.42 -4.27
C SER C 129 6.88 -17.61 -3.35
N LYS C 130 8.11 -17.87 -2.89
CA LYS C 130 8.35 -18.91 -1.91
C LYS C 130 7.88 -18.54 -0.51
N HIS C 131 7.61 -17.26 -0.26
CA HIS C 131 7.49 -16.76 1.11
C HIS C 131 6.15 -16.09 1.38
N TYR C 132 5.15 -16.33 0.55
CA TYR C 132 3.78 -15.93 0.89
C TYR C 132 3.25 -16.75 2.06
N ASP C 133 3.73 -17.98 2.23
CA ASP C 133 3.23 -18.92 3.22
C ASP C 133 3.95 -18.81 4.55
N VAL C 134 4.86 -17.84 4.71
CA VAL C 134 5.54 -17.63 5.97
C VAL C 134 4.57 -16.96 6.94
N GLU C 135 4.45 -17.53 8.14
CA GLU C 135 3.47 -17.08 9.12
C GLU C 135 4.00 -16.00 10.06
N SER C 136 5.32 -15.85 10.17
CA SER C 136 5.92 -14.88 11.07
C SER C 136 7.32 -14.60 10.60
N ALA C 137 7.87 -13.46 11.04
CA ALA C 137 9.26 -13.15 10.74
C ALA C 137 10.20 -14.20 11.32
N GLU C 138 9.89 -14.69 12.52
CA GLU C 138 10.73 -15.73 13.14
C GLU C 138 10.63 -17.05 12.40
N ALA C 139 9.50 -17.31 11.72
CA ALA C 139 9.33 -18.56 11.01
C ALA C 139 9.92 -18.54 9.60
N TYR C 140 10.43 -17.40 9.16
CA TYR C 140 11.10 -17.32 7.87
C TYR C 140 12.30 -18.27 7.87
N PRO C 141 12.40 -19.19 6.91
CA PRO C 141 13.49 -20.17 6.93
C PRO C 141 14.84 -19.50 6.86
N ALA C 142 15.75 -19.91 7.76
CA ALA C 142 17.05 -19.25 7.88
C ALA C 142 17.88 -19.39 6.60
N ASP C 143 17.75 -20.52 5.90
CA ASP C 143 18.60 -20.82 4.75
C ASP C 143 18.01 -20.34 3.44
N GLU C 144 16.95 -19.53 3.47
CA GLU C 144 16.29 -19.05 2.26
C GLU C 144 16.45 -17.56 2.14
N GLY C 145 16.16 -17.05 0.94
CA GLY C 145 16.32 -15.65 0.66
C GLY C 145 17.76 -15.28 0.39
N PRO C 146 18.05 -13.97 0.31
CA PRO C 146 17.09 -12.88 0.47
C PRO C 146 16.15 -12.70 -0.72
N ASP C 147 14.93 -12.21 -0.47
CA ASP C 147 14.03 -11.89 -1.56
C ASP C 147 14.45 -10.63 -2.30
N GLY C 148 15.14 -9.72 -1.61
CA GLY C 148 15.64 -8.51 -2.24
C GLY C 148 16.95 -8.08 -1.61
N ILE C 149 17.72 -7.32 -2.38
CA ILE C 149 19.00 -6.80 -1.92
C ILE C 149 19.11 -5.34 -2.31
N ILE C 150 19.51 -4.50 -1.36
CA ILE C 150 19.78 -3.08 -1.59
C ILE C 150 21.25 -2.84 -1.28
N THR C 151 22.02 -2.43 -2.29
CA THR C 151 23.45 -2.19 -2.13
C THR C 151 23.75 -0.73 -2.40
N LEU C 152 24.48 -0.10 -1.48
CA LEU C 152 24.81 1.32 -1.55
C LEU C 152 26.31 1.51 -1.66
N TRP C 153 26.74 2.48 -2.45
CA TRP C 153 28.11 2.94 -2.47
C TRP C 153 28.12 4.43 -2.72
N PRO C 154 29.14 5.15 -2.25
CA PRO C 154 29.12 6.61 -2.31
C PRO C 154 29.04 7.14 -3.73
N GLU C 155 28.24 8.19 -3.90
CA GLU C 155 28.16 8.93 -5.16
C GLU C 155 29.00 10.20 -5.04
N ARG C 156 30.31 10.01 -5.10
CA ARG C 156 31.28 11.07 -4.82
C ARG C 156 31.22 12.19 -5.85
C1 GOL D . -13.61 -4.49 26.14
O1 GOL D . -13.28 -4.54 27.52
C2 GOL D . -13.19 -5.81 25.49
O2 GOL D . -13.85 -5.96 24.25
C3 GOL D . -11.69 -5.79 25.27
O3 GOL D . -11.32 -4.62 24.57
C1 GOL E . -12.25 -14.62 -24.46
O1 GOL E . -11.42 -15.75 -24.27
C2 GOL E . -12.53 -14.46 -25.95
O2 GOL E . -13.36 -13.34 -26.15
C3 GOL E . -11.21 -14.22 -26.66
O3 GOL E . -11.47 -13.67 -27.94
C1 GOL F . 14.29 7.55 16.11
O1 GOL F . 14.56 6.22 16.47
C2 GOL F . 14.29 7.67 14.59
O2 GOL F . 14.60 9.01 14.22
C3 GOL F . 15.31 6.71 14.01
O3 GOL F . 15.09 6.53 12.64
#